data_5QC7
#
_entry.id   5QC7
#
_cell.length_a   36.970
_cell.length_b   58.500
_cell.length_c   59.540
_cell.angle_alpha   66.28
_cell.angle_beta   69.76
_cell.angle_gamma   72.62
#
_symmetry.space_group_name_H-M   'P 1'
#
loop_
_entity.id
_entity.type
_entity.pdbx_description
1 polymer 'Cathepsin S'
2 non-polymer 2-[1-(cyclohexylmethyl)piperidin-4-yl]-1-{3-[3-{[2-(piperidin-1-yl)ethyl]sulfanyl}-4-(trifluoromethyl)phenyl]-1-propyl-1,4,6,7-tetrahydro-5H-pyrazolo[4,3-c]pyridin-5-yl}ethan-1-one
3 non-polymer ETHANOL
4 non-polymer 'DIMETHYL SULFOXIDE'
5 water water
#
_entity_poly.entity_id   1
_entity_poly.type   'polypeptide(L)'
_entity_poly.pdbx_seq_one_letter_code
;ILPDSVDWREKGCVTEVKYQGSCGASWAFSAVGALEAQLKLKTGKLVSLSAQNLVDCSTEKYGNKGCNGGFMTTAFQYII
DNKGIDSDASYPYKAMDQKCQYDSKYRAATCSKYTELPYGREDVLKEAVANKGPVSVGVDARHPSFFLYRSGVYYEPSCT
QNVNHGVLVVGYGDLNGKEYWLVKNSWGHNFGEEGYIRMARNKGNHCGIASFPSYPEILQGGG
;
_entity_poly.pdbx_strand_id   A,B
#
loop_
_chem_comp.id
_chem_comp.type
_chem_comp.name
_chem_comp.formula
BQS non-polymer 2-[1-(cyclohexylmethyl)piperidin-4-yl]-1-{3-[3-{[2-(piperidin-1-yl)ethyl]sulfanyl}-4-(trifluoromethyl)phenyl]-1-propyl-1,4,6,7-tetrahydro-5H-pyrazolo[4,3-c]pyridin-5-yl}ethan-1-one 'C37 H54 F3 N5 O S'
DMS non-polymer 'DIMETHYL SULFOXIDE' 'C2 H6 O S'
EOH non-polymer ETHANOL 'C2 H6 O'
#
# COMPACT_ATOMS: atom_id res chain seq x y z
N ILE A 1 21.38 -25.28 2.82
CA ILE A 1 21.06 -24.76 4.15
C ILE A 1 20.06 -23.60 4.04
N LEU A 2 20.31 -22.63 3.16
CA LEU A 2 19.40 -21.50 3.03
C LEU A 2 18.14 -21.94 2.28
N PRO A 3 16.99 -21.29 2.56
CA PRO A 3 15.78 -21.61 1.80
C PRO A 3 15.97 -21.32 0.31
N ASP A 4 15.29 -22.12 -0.52
CA ASP A 4 15.35 -21.95 -1.97
C ASP A 4 14.75 -20.62 -2.41
N SER A 5 13.77 -20.11 -1.66
N SER A 5 13.81 -20.09 -1.64
CA SER A 5 13.13 -18.85 -1.98
CA SER A 5 13.15 -18.84 -1.96
C SER A 5 12.67 -18.19 -0.68
C SER A 5 12.67 -18.19 -0.68
N VAL A 6 12.65 -16.86 -0.67
CA VAL A 6 12.03 -16.11 0.41
C VAL A 6 11.30 -14.92 -0.21
N ASP A 7 10.21 -14.52 0.44
CA ASP A 7 9.41 -13.40 -0.04
C ASP A 7 8.84 -12.66 1.17
N TRP A 8 9.47 -11.54 1.53
CA TRP A 8 9.05 -10.84 2.73
C TRP A 8 7.72 -10.12 2.55
N ARG A 9 7.33 -9.88 1.31
CA ARG A 9 5.99 -9.40 1.04
C ARG A 9 4.95 -10.44 1.47
N GLU A 10 5.24 -11.72 1.23
CA GLU A 10 4.31 -12.77 1.68
C GLU A 10 4.23 -12.85 3.20
N LYS A 11 5.27 -12.43 3.90
CA LYS A 11 5.25 -12.43 5.36
C LYS A 11 4.67 -11.14 5.93
N GLY A 12 4.03 -10.32 5.09
CA GLY A 12 3.39 -9.10 5.55
C GLY A 12 4.34 -8.01 5.99
N CYS A 13 5.55 -7.97 5.44
CA CYS A 13 6.59 -7.04 5.88
C CYS A 13 6.88 -5.93 4.85
N VAL A 14 6.09 -5.80 3.79
CA VAL A 14 6.35 -4.86 2.71
C VAL A 14 5.09 -4.06 2.46
N THR A 15 5.22 -2.73 2.47
CA THR A 15 4.14 -1.79 2.22
C THR A 15 3.84 -1.69 0.74
N GLU A 16 2.81 -0.91 0.41
CA GLU A 16 2.46 -0.64 -0.98
C GLU A 16 3.64 -0.08 -1.76
N VAL A 17 3.70 -0.44 -3.05
CA VAL A 17 4.67 0.16 -3.97
C VAL A 17 4.40 1.66 -4.08
N LYS A 18 5.47 2.45 -3.99
CA LYS A 18 5.39 3.90 -4.08
C LYS A 18 5.80 4.42 -5.45
N TYR A 19 5.55 5.71 -5.68
CA TYR A 19 5.78 6.35 -6.97
C TYR A 19 6.62 7.60 -6.75
N GLN A 20 7.89 7.57 -7.16
CA GLN A 20 8.78 8.68 -6.83
C GLN A 20 8.63 9.85 -7.77
N GLY A 21 8.09 9.63 -8.97
CA GLY A 21 7.98 10.73 -9.90
C GLY A 21 9.34 11.25 -10.35
N SER A 22 9.37 12.55 -10.62
CA SER A 22 10.52 13.19 -11.21
C SER A 22 11.55 13.62 -10.19
N CYS A 23 11.38 13.20 -8.93
CA CYS A 23 12.34 13.48 -7.86
C CYS A 23 13.20 12.25 -7.67
N GLY A 24 14.52 12.43 -7.72
CA GLY A 24 15.46 11.32 -7.59
C GLY A 24 15.60 10.83 -6.16
N ALA A 25 14.51 10.35 -5.55
CA ALA A 25 14.50 9.95 -4.16
C ALA A 25 14.48 8.44 -3.99
N SER A 26 14.91 7.68 -5.00
CA SER A 26 14.84 6.23 -4.86
C SER A 26 15.66 5.75 -3.67
N TRP A 27 16.73 6.46 -3.33
CA TRP A 27 17.49 6.14 -2.12
C TRP A 27 16.62 6.23 -0.87
N ALA A 28 15.73 7.23 -0.82
CA ALA A 28 14.89 7.41 0.36
C ALA A 28 13.80 6.34 0.44
N PHE A 29 13.23 5.96 -0.71
CA PHE A 29 12.27 4.86 -0.71
C PHE A 29 12.93 3.55 -0.35
N SER A 30 14.13 3.28 -0.89
CA SER A 30 14.82 2.05 -0.54
C SER A 30 15.07 1.97 0.96
N ALA A 31 15.46 3.08 1.59
CA ALA A 31 15.77 3.08 3.02
C ALA A 31 14.52 2.89 3.88
N VAL A 32 13.45 3.65 3.61
CA VAL A 32 12.26 3.48 4.44
C VAL A 32 11.68 2.08 4.24
N GLY A 33 11.77 1.54 3.03
CA GLY A 33 11.28 0.20 2.78
C GLY A 33 12.00 -0.85 3.60
N ALA A 34 13.32 -0.74 3.71
CA ALA A 34 14.03 -1.68 4.57
C ALA A 34 13.60 -1.51 6.03
N LEU A 35 13.46 -0.27 6.49
CA LEU A 35 13.10 -0.07 7.89
C LEU A 35 11.67 -0.49 8.17
N GLU A 36 10.77 -0.35 7.19
CA GLU A 36 9.38 -0.77 7.39
C GLU A 36 9.31 -2.25 7.75
N ALA A 37 10.14 -3.07 7.12
CA ALA A 37 10.12 -4.51 7.41
C ALA A 37 10.62 -4.80 8.81
N GLN A 38 11.67 -4.11 9.25
CA GLN A 38 12.14 -4.31 10.62
C GLN A 38 11.09 -3.83 11.62
N LEU A 39 10.38 -2.76 11.28
CA LEU A 39 9.33 -2.26 12.18
C LEU A 39 8.22 -3.28 12.32
N LYS A 40 7.79 -3.87 11.20
CA LYS A 40 6.75 -4.90 11.23
C LYS A 40 7.20 -6.09 12.08
N LEU A 41 8.44 -6.53 11.89
CA LEU A 41 8.94 -7.65 12.68
C LEU A 41 8.89 -7.35 14.18
N LYS A 42 9.31 -6.14 14.58
CA LYS A 42 9.46 -5.85 16.00
C LYS A 42 8.15 -5.48 16.67
N THR A 43 7.23 -4.82 15.96
CA THR A 43 6.02 -4.32 16.59
C THR A 43 4.75 -5.02 16.12
N GLY A 44 4.83 -5.85 15.09
CA GLY A 44 3.66 -6.46 14.49
C GLY A 44 2.83 -5.53 13.62
N LYS A 45 3.21 -4.26 13.49
CA LYS A 45 2.46 -3.29 12.70
C LYS A 45 3.21 -2.97 11.41
N LEU A 46 2.48 -2.92 10.31
CA LEU A 46 3.03 -2.57 9.01
C LEU A 46 2.60 -1.14 8.72
N VAL A 47 3.57 -0.22 8.69
CA VAL A 47 3.31 1.21 8.57
C VAL A 47 4.29 1.81 7.57
N SER A 48 3.77 2.50 6.56
CA SER A 48 4.64 3.22 5.62
C SER A 48 5.36 4.35 6.32
N LEU A 49 6.67 4.43 6.12
CA LEU A 49 7.49 5.47 6.72
C LEU A 49 7.79 6.57 5.71
N SER A 50 8.10 7.76 6.21
CA SER A 50 8.10 8.95 5.38
C SER A 50 9.41 9.10 4.60
N ALA A 51 9.34 8.80 3.29
CA ALA A 51 10.46 9.10 2.41
C ALA A 51 10.69 10.60 2.30
N GLN A 52 9.63 11.40 2.38
CA GLN A 52 9.81 12.85 2.31
C GLN A 52 10.61 13.35 3.51
N ASN A 53 10.39 12.75 4.68
CA ASN A 53 11.20 13.05 5.86
C ASN A 53 12.68 12.95 5.52
N LEU A 54 13.08 11.90 4.81
CA LEU A 54 14.48 11.72 4.45
C LEU A 54 14.92 12.75 3.41
N VAL A 55 14.09 12.99 2.39
CA VAL A 55 14.43 13.97 1.36
C VAL A 55 14.72 15.33 2.00
N ASP A 56 13.83 15.77 2.92
CA ASP A 56 13.91 17.13 3.45
C ASP A 56 14.93 17.26 4.57
N CYS A 57 15.20 16.19 5.32
CA CYS A 57 15.94 16.30 6.56
C CYS A 57 17.28 15.58 6.56
N SER A 58 17.42 14.49 5.83
CA SER A 58 18.70 13.79 5.74
C SER A 58 19.44 14.36 4.53
N THR A 59 20.06 15.53 4.73
CA THR A 59 20.58 16.34 3.63
C THR A 59 22.11 16.39 3.71
N GLU A 60 22.73 17.58 3.68
CA GLU A 60 24.16 17.67 3.40
C GLU A 60 25.01 17.02 4.47
N LYS A 61 24.56 17.07 5.73
CA LYS A 61 25.29 16.38 6.79
C LYS A 61 25.40 14.88 6.52
N TYR A 62 24.51 14.34 5.68
CA TYR A 62 24.47 12.92 5.36
C TYR A 62 24.95 12.65 3.94
N GLY A 63 25.61 13.62 3.31
CA GLY A 63 26.03 13.47 1.94
C GLY A 63 24.91 13.39 0.93
N ASN A 64 23.67 13.69 1.32
CA ASN A 64 22.51 13.54 0.46
C ASN A 64 22.05 14.88 -0.10
N LYS A 65 21.33 14.81 -1.23
CA LYS A 65 20.96 15.96 -2.02
C LYS A 65 19.49 15.94 -2.40
N GLY A 66 18.65 15.35 -1.54
CA GLY A 66 17.22 15.40 -1.77
C GLY A 66 16.85 14.75 -3.09
N CYS A 67 16.16 15.52 -3.94
CA CYS A 67 15.73 15.03 -5.23
C CYS A 67 16.87 14.81 -6.20
N ASN A 68 18.09 15.22 -5.86
CA ASN A 68 19.24 14.98 -6.72
C ASN A 68 20.07 13.78 -6.28
N GLY A 69 19.56 12.95 -5.38
CA GLY A 69 20.17 11.69 -5.05
C GLY A 69 20.67 11.63 -3.61
N GLY A 70 20.90 10.40 -3.14
CA GLY A 70 21.37 10.18 -1.79
C GLY A 70 21.79 8.74 -1.60
N PHE A 71 22.22 8.45 -0.37
CA PHE A 71 22.63 7.11 0.05
C PHE A 71 21.61 6.53 1.02
N MET A 72 21.38 5.22 0.93
CA MET A 72 20.55 4.57 1.94
C MET A 72 21.27 4.50 3.28
N THR A 73 22.59 4.29 3.28
CA THR A 73 23.31 4.13 4.54
C THR A 73 23.24 5.38 5.39
N THR A 74 23.48 6.55 4.79
CA THR A 74 23.41 7.79 5.55
C THR A 74 21.96 8.17 5.86
N ALA A 75 20.99 7.70 5.07
CA ALA A 75 19.59 7.85 5.48
C ALA A 75 19.33 7.11 6.77
N PHE A 76 19.80 5.86 6.88
CA PHE A 76 19.68 5.14 8.14
C PHE A 76 20.34 5.91 9.28
N GLN A 77 21.53 6.46 9.03
CA GLN A 77 22.23 7.18 10.07
C GLN A 77 21.45 8.41 10.53
N TYR A 78 20.80 9.11 9.60
CA TYR A 78 19.93 10.22 9.99
C TYR A 78 18.84 9.75 10.96
N ILE A 79 18.17 8.64 10.64
CA ILE A 79 17.10 8.13 11.50
C ILE A 79 17.64 7.80 12.89
N ILE A 80 18.83 7.18 12.94
CA ILE A 80 19.48 6.93 14.22
C ILE A 80 19.71 8.25 14.96
N ASP A 81 20.38 9.19 14.31
CA ASP A 81 20.70 10.47 14.92
C ASP A 81 19.46 11.24 15.33
N ASN A 82 18.45 11.25 14.47
CA ASN A 82 17.23 11.99 14.72
C ASN A 82 16.36 11.33 15.78
N LYS A 83 16.67 10.08 16.14
CA LYS A 83 15.86 9.29 17.07
C LYS A 83 14.43 9.14 16.57
N GLY A 84 14.24 9.11 15.26
CA GLY A 84 12.94 8.78 14.73
C GLY A 84 12.79 9.20 13.30
N ILE A 85 11.73 8.69 12.68
CA ILE A 85 11.28 9.10 11.36
C ILE A 85 9.75 9.12 11.43
N ASP A 86 9.14 10.11 10.79
CA ASP A 86 7.68 10.23 10.84
C ASP A 86 7.00 9.19 9.98
N SER A 87 5.73 8.93 10.28
CA SER A 87 4.94 8.09 9.39
C SER A 87 4.79 8.80 8.06
N ASP A 88 4.63 8.02 6.99
CA ASP A 88 4.33 8.61 5.69
C ASP A 88 3.00 9.34 5.73
N ALA A 89 2.03 8.82 6.49
CA ALA A 89 0.72 9.47 6.57
C ALA A 89 0.85 10.90 7.10
N SER A 90 1.70 11.10 8.12
CA SER A 90 1.86 12.42 8.72
C SER A 90 2.75 13.34 7.90
N TYR A 91 3.59 12.77 7.05
CA TYR A 91 4.64 13.52 6.34
C TYR A 91 4.71 12.94 4.93
N PRO A 92 3.71 13.24 4.10
CA PRO A 92 3.55 12.54 2.82
C PRO A 92 4.50 13.02 1.75
N TYR A 93 4.64 12.20 0.71
CA TYR A 93 5.64 12.43 -0.32
C TYR A 93 5.17 13.47 -1.34
N LYS A 94 6.03 14.45 -1.63
CA LYS A 94 5.70 15.55 -2.53
C LYS A 94 6.61 15.60 -3.75
N ALA A 95 7.62 14.72 -3.84
CA ALA A 95 8.52 14.71 -4.99
C ALA A 95 9.11 16.09 -5.24
N MET A 96 9.48 16.76 -4.16
CA MET A 96 10.10 18.07 -4.20
C MET A 96 11.02 18.18 -3.00
N ASP A 97 12.03 19.04 -3.12
CA ASP A 97 12.85 19.35 -1.96
C ASP A 97 12.12 20.39 -1.13
N GLN A 98 11.89 20.08 0.15
CA GLN A 98 11.16 20.97 1.03
C GLN A 98 11.96 21.21 2.29
N LYS A 99 11.48 22.18 3.08
CA LYS A 99 12.04 22.39 4.41
C LYS A 99 11.80 21.16 5.27
N CYS A 100 12.76 20.86 6.13
CA CYS A 100 12.60 19.75 7.07
C CYS A 100 11.45 20.04 8.03
N GLN A 101 10.48 19.14 8.07
CA GLN A 101 9.32 19.34 8.93
C GLN A 101 9.12 18.15 9.85
N TYR A 102 10.21 17.47 10.20
CA TYR A 102 10.09 16.35 11.12
C TYR A 102 9.48 16.80 12.44
N ASP A 103 8.53 16.01 12.95
CA ASP A 103 7.86 16.31 14.21
C ASP A 103 7.79 15.02 15.01
N SER A 104 8.48 14.97 16.16
CA SER A 104 8.51 13.73 16.94
C SER A 104 7.12 13.26 17.36
N LYS A 105 6.12 14.15 17.36
CA LYS A 105 4.75 13.75 17.72
C LYS A 105 4.23 12.65 16.81
N TYR A 106 4.69 12.60 15.56
CA TYR A 106 4.21 11.62 14.60
C TYR A 106 5.27 10.57 14.27
N ARG A 107 6.25 10.39 15.15
CA ARG A 107 7.28 9.38 14.94
C ARG A 107 6.62 8.02 14.81
N ALA A 108 6.97 7.28 13.77
CA ALA A 108 6.43 5.95 13.57
C ALA A 108 7.46 4.85 13.70
N ALA A 109 8.75 5.17 13.63
CA ALA A 109 9.80 4.17 13.79
C ALA A 109 11.06 4.86 14.28
N THR A 110 11.93 4.04 14.88
CA THR A 110 13.28 4.40 15.23
C THR A 110 14.20 3.45 14.47
N CYS A 111 15.50 3.73 14.53
CA CYS A 111 16.50 2.84 13.96
C CYS A 111 17.67 2.77 14.92
N SER A 112 18.13 1.56 15.22
CA SER A 112 19.23 1.40 16.16
C SER A 112 20.59 1.33 15.48
N LYS A 113 20.67 0.71 14.31
CA LYS A 113 21.92 0.43 13.64
C LYS A 113 21.61 0.09 12.20
N TYR A 114 22.67 -0.01 11.39
CA TYR A 114 22.56 -0.56 10.06
C TYR A 114 23.86 -1.30 9.76
N THR A 115 23.78 -2.17 8.75
CA THR A 115 24.85 -3.09 8.36
C THR A 115 25.07 -2.93 6.85
N GLU A 116 26.33 -2.89 6.45
CA GLU A 116 26.70 -2.85 5.04
C GLU A 116 27.28 -4.20 4.63
N LEU A 117 26.87 -4.70 3.48
CA LEU A 117 27.33 -6.01 3.08
C LEU A 117 28.49 -5.90 2.09
N PRO A 118 29.32 -6.94 1.97
CA PRO A 118 30.49 -6.86 1.09
C PRO A 118 30.12 -6.80 -0.39
N TYR A 119 30.91 -6.02 -1.12
CA TYR A 119 30.69 -5.75 -2.54
C TYR A 119 30.63 -7.02 -3.39
N GLY A 120 29.60 -7.13 -4.22
CA GLY A 120 29.49 -8.21 -5.17
C GLY A 120 29.13 -9.57 -4.61
N ARG A 121 28.98 -9.72 -3.29
CA ARG A 121 28.79 -11.04 -2.67
C ARG A 121 27.31 -11.39 -2.71
N GLU A 122 26.90 -12.09 -3.77
CA GLU A 122 25.50 -12.48 -3.86
C GLU A 122 25.14 -13.60 -2.90
N ASP A 123 26.12 -14.40 -2.48
CA ASP A 123 25.85 -15.39 -1.45
C ASP A 123 25.58 -14.71 -0.12
N VAL A 124 26.35 -13.68 0.22
CA VAL A 124 26.11 -13.00 1.48
C VAL A 124 24.79 -12.23 1.43
N LEU A 125 24.49 -11.61 0.28
CA LEU A 125 23.20 -10.95 0.13
C LEU A 125 22.05 -11.93 0.33
N LYS A 126 22.16 -13.11 -0.27
CA LYS A 126 21.14 -14.15 -0.10
C LYS A 126 20.96 -14.51 1.36
N GLU A 127 22.07 -14.74 2.06
CA GLU A 127 21.98 -15.05 3.48
C GLU A 127 21.30 -13.93 4.25
N ALA A 128 21.64 -12.68 3.96
CA ALA A 128 21.04 -11.57 4.69
C ALA A 128 19.54 -11.46 4.40
N VAL A 129 19.14 -11.61 3.14
CA VAL A 129 17.72 -11.57 2.83
C VAL A 129 16.98 -12.69 3.56
N ALA A 130 17.59 -13.88 3.65
CA ALA A 130 16.94 -14.98 4.35
C ALA A 130 16.89 -14.76 5.87
N ASN A 131 17.98 -14.27 6.45
CA ASN A 131 18.14 -14.28 7.90
C ASN A 131 17.83 -12.94 8.56
N LYS A 132 17.75 -11.86 7.79
CA LYS A 132 17.56 -10.53 8.37
C LYS A 132 16.30 -9.82 7.90
N GLY A 133 15.96 -9.92 6.62
CA GLY A 133 14.83 -9.21 6.06
C GLY A 133 15.21 -8.52 4.77
N PRO A 134 14.32 -7.67 4.25
CA PRO A 134 14.62 -6.93 3.02
C PRO A 134 15.89 -6.10 3.18
N VAL A 135 16.67 -6.03 2.10
CA VAL A 135 17.96 -5.35 2.06
C VAL A 135 17.91 -4.23 1.01
N SER A 136 18.35 -3.04 1.40
CA SER A 136 18.44 -1.90 0.50
C SER A 136 19.64 -2.07 -0.43
N VAL A 137 19.45 -1.84 -1.73
CA VAL A 137 20.53 -1.99 -2.69
C VAL A 137 20.42 -0.91 -3.77
N GLY A 138 21.51 -0.72 -4.50
CA GLY A 138 21.48 0.07 -5.70
C GLY A 138 21.59 -0.86 -6.89
N VAL A 139 21.00 -0.46 -8.01
CA VAL A 139 21.18 -1.17 -9.27
C VAL A 139 21.52 -0.15 -10.34
N ASP A 140 22.11 -0.65 -11.44
CA ASP A 140 22.33 0.09 -12.67
C ASP A 140 21.04 0.03 -13.48
N ALA A 141 20.26 1.12 -13.44
CA ALA A 141 18.97 1.18 -14.13
C ALA A 141 18.99 2.05 -15.39
N ARG A 142 20.18 2.47 -15.84
CA ARG A 142 20.32 3.32 -17.03
C ARG A 142 20.31 2.47 -18.31
N HIS A 143 19.19 1.80 -18.53
CA HIS A 143 19.02 1.01 -19.70
C HIS A 143 17.55 1.04 -20.07
N PRO A 144 17.23 1.33 -21.34
CA PRO A 144 15.83 1.28 -21.76
C PRO A 144 15.13 -0.01 -21.36
N SER A 145 15.85 -1.15 -21.37
CA SER A 145 15.22 -2.41 -20.98
C SER A 145 14.73 -2.38 -19.53
N PHE A 146 15.41 -1.64 -18.66
CA PHE A 146 14.93 -1.51 -17.29
C PHE A 146 13.65 -0.70 -17.23
N PHE A 147 13.64 0.49 -17.87
CA PHE A 147 12.44 1.32 -17.89
C PHE A 147 11.28 0.60 -18.54
N LEU A 148 11.56 -0.22 -19.56
CA LEU A 148 10.51 -0.89 -20.32
C LEU A 148 10.17 -2.29 -19.79
N TYR A 149 10.82 -2.74 -18.72
CA TYR A 149 10.57 -4.05 -18.14
C TYR A 149 9.11 -4.22 -17.72
N ARG A 150 8.53 -5.38 -18.05
CA ARG A 150 7.15 -5.70 -17.70
C ARG A 150 7.01 -6.97 -16.87
N SER A 151 7.72 -8.03 -17.20
CA SER A 151 7.59 -9.29 -16.47
C SER A 151 8.80 -10.16 -16.74
N GLY A 152 8.95 -11.20 -15.94
CA GLY A 152 10.01 -12.16 -16.08
C GLY A 152 11.25 -11.80 -15.30
N VAL A 153 12.31 -12.56 -15.57
CA VAL A 153 13.60 -12.35 -14.92
C VAL A 153 14.42 -11.43 -15.81
N TYR A 154 14.67 -10.23 -15.31
CA TYR A 154 15.39 -9.21 -16.05
C TYR A 154 16.86 -9.57 -16.17
N TYR A 155 17.35 -9.59 -17.41
CA TYR A 155 18.77 -9.79 -17.70
C TYR A 155 19.16 -8.85 -18.82
N GLU A 156 20.09 -7.94 -18.54
CA GLU A 156 20.51 -6.91 -19.50
C GLU A 156 21.99 -7.10 -19.80
N PRO A 157 22.34 -7.60 -20.99
CA PRO A 157 23.76 -7.87 -21.30
C PRO A 157 24.67 -6.67 -21.11
N SER A 158 24.17 -5.44 -21.33
CA SER A 158 25.00 -4.27 -21.19
C SER A 158 24.98 -3.67 -19.79
N CYS A 159 24.40 -4.36 -18.81
CA CYS A 159 24.41 -3.81 -17.46
C CYS A 159 25.83 -3.76 -16.92
N THR A 160 26.07 -2.84 -16.00
CA THR A 160 27.33 -2.69 -15.30
C THR A 160 27.10 -2.95 -13.82
N GLN A 161 28.19 -3.04 -13.06
CA GLN A 161 28.11 -3.12 -11.61
C GLN A 161 28.07 -1.73 -10.95
N ASN A 162 28.05 -0.65 -11.75
CA ASN A 162 27.95 0.71 -11.24
C ASN A 162 26.49 1.07 -11.02
N VAL A 163 26.11 1.36 -9.77
CA VAL A 163 24.70 1.57 -9.43
C VAL A 163 24.33 3.04 -9.55
N ASN A 164 23.02 3.30 -9.72
CA ASN A 164 22.48 4.65 -9.83
C ASN A 164 21.02 4.76 -9.40
N HIS A 165 20.38 3.69 -8.94
CA HIS A 165 18.97 3.71 -8.61
C HIS A 165 18.76 2.85 -7.37
N GLY A 166 18.16 3.43 -6.34
CA GLY A 166 17.92 2.68 -5.11
C GLY A 166 16.67 1.82 -5.24
N VAL A 167 16.77 0.59 -4.73
CA VAL A 167 15.63 -0.33 -4.71
C VAL A 167 15.72 -1.19 -3.47
N LEU A 168 14.80 -2.13 -3.32
CA LEU A 168 14.68 -2.92 -2.09
C LEU A 168 14.57 -4.39 -2.45
N VAL A 169 15.53 -5.20 -2.03
CA VAL A 169 15.46 -6.63 -2.27
C VAL A 169 14.59 -7.22 -1.18
N VAL A 170 13.39 -7.69 -1.54
CA VAL A 170 12.47 -8.26 -0.55
C VAL A 170 12.40 -9.77 -0.61
N GLY A 171 13.22 -10.39 -1.45
CA GLY A 171 13.19 -11.83 -1.57
C GLY A 171 14.04 -12.31 -2.73
N TYR A 172 13.94 -13.61 -2.98
CA TYR A 172 14.69 -14.23 -4.05
C TYR A 172 14.05 -15.57 -4.33
N GLY A 173 14.38 -16.15 -5.47
CA GLY A 173 13.80 -17.42 -5.82
C GLY A 173 14.43 -18.01 -7.04
N ASP A 174 13.75 -19.02 -7.57
CA ASP A 174 14.20 -19.80 -8.72
C ASP A 174 12.94 -20.24 -9.44
N LEU A 175 12.65 -19.60 -10.57
CA LEU A 175 11.44 -19.82 -11.35
C LEU A 175 11.80 -19.98 -12.81
N ASN A 176 11.21 -20.99 -13.46
CA ASN A 176 11.35 -21.19 -14.90
C ASN A 176 12.82 -21.33 -15.30
N GLY A 177 13.59 -22.02 -14.45
CA GLY A 177 15.00 -22.24 -14.69
C GLY A 177 15.90 -21.05 -14.44
N LYS A 178 15.38 -19.97 -13.88
CA LYS A 178 16.14 -18.74 -13.65
C LYS A 178 16.14 -18.34 -12.18
N GLU A 179 17.33 -18.24 -11.58
CA GLU A 179 17.43 -17.67 -10.24
C GLU A 179 17.32 -16.16 -10.33
N TYR A 180 16.64 -15.55 -9.36
CA TYR A 180 16.40 -14.10 -9.42
C TYR A 180 16.39 -13.50 -8.03
N TRP A 181 16.53 -12.18 -7.99
CA TRP A 181 16.23 -11.36 -6.85
C TRP A 181 14.86 -10.73 -7.04
N LEU A 182 14.06 -10.73 -5.98
CA LEU A 182 12.76 -10.08 -6.02
C LEU A 182 12.92 -8.65 -5.52
N VAL A 183 12.65 -7.68 -6.38
CA VAL A 183 13.04 -6.30 -6.15
C VAL A 183 11.80 -5.40 -6.16
N LYS A 184 11.59 -4.67 -5.06
CA LYS A 184 10.56 -3.64 -5.00
C LYS A 184 11.13 -2.31 -5.52
N ASN A 185 10.50 -1.76 -6.56
CA ASN A 185 10.87 -0.48 -7.14
C ASN A 185 9.94 0.61 -6.60
N SER A 186 10.25 1.86 -6.95
CA SER A 186 9.43 3.02 -6.55
C SER A 186 8.95 3.79 -7.78
N TRP A 187 8.53 3.09 -8.82
CA TRP A 187 7.99 3.72 -10.01
C TRP A 187 6.50 3.44 -10.17
N GLY A 188 5.81 3.17 -9.07
CA GLY A 188 4.38 2.93 -9.11
C GLY A 188 4.04 1.52 -9.53
N HIS A 189 2.76 1.19 -9.43
CA HIS A 189 2.29 -0.17 -9.66
C HIS A 189 2.32 -0.56 -11.13
N ASN A 190 2.39 0.42 -12.02
CA ASN A 190 2.34 0.14 -13.45
C ASN A 190 3.70 -0.26 -14.01
N PHE A 191 4.76 -0.11 -13.22
CA PHE A 191 6.06 -0.63 -13.62
C PHE A 191 6.12 -2.13 -13.32
N GLY A 192 6.62 -2.91 -14.28
CA GLY A 192 7.01 -4.29 -14.02
C GLY A 192 5.86 -5.15 -13.51
N GLU A 193 6.18 -6.02 -12.55
CA GLU A 193 5.20 -6.96 -12.00
C GLU A 193 4.57 -6.32 -10.79
N GLU A 194 3.50 -5.55 -11.04
CA GLU A 194 2.82 -4.79 -9.99
C GLU A 194 3.79 -3.99 -9.15
N GLY A 195 4.75 -3.35 -9.81
CA GLY A 195 5.71 -2.50 -9.13
C GLY A 195 7.03 -3.15 -8.78
N TYR A 196 7.18 -4.44 -9.08
CA TYR A 196 8.36 -5.23 -8.77
C TYR A 196 9.07 -5.62 -10.05
N ILE A 197 10.37 -5.90 -9.92
CA ILE A 197 11.17 -6.45 -11.01
C ILE A 197 11.98 -7.60 -10.42
N ARG A 198 11.94 -8.75 -11.09
CA ARG A 198 12.78 -9.88 -10.70
C ARG A 198 14.06 -9.81 -11.54
N MET A 199 15.20 -9.73 -10.87
CA MET A 199 16.47 -9.45 -11.53
C MET A 199 17.40 -10.65 -11.44
N ALA A 200 18.14 -10.91 -12.52
CA ALA A 200 19.00 -12.08 -12.62
C ALA A 200 19.90 -12.20 -11.41
N ARG A 201 19.94 -13.39 -10.82
CA ARG A 201 20.70 -13.67 -9.62
C ARG A 201 21.81 -14.67 -9.94
N ASN A 202 22.94 -14.52 -9.24
CA ASN A 202 24.13 -15.36 -9.45
C ASN A 202 24.64 -15.28 -10.89
N LYS A 203 24.51 -14.10 -11.49
CA LYS A 203 25.09 -13.85 -12.79
C LYS A 203 26.18 -12.79 -12.67
N GLY A 204 27.11 -13.01 -11.74
CA GLY A 204 28.24 -12.13 -11.59
C GLY A 204 27.88 -10.71 -11.20
N ASN A 205 26.98 -10.55 -10.23
CA ASN A 205 26.57 -9.24 -9.72
C ASN A 205 25.91 -8.41 -10.83
N HIS A 206 24.90 -9.00 -11.44
CA HIS A 206 24.21 -8.38 -12.56
C HIS A 206 23.55 -7.06 -12.18
N CYS A 207 23.84 -6.02 -12.95
CA CYS A 207 23.39 -4.65 -12.74
C CYS A 207 23.82 -4.09 -11.38
N GLY A 208 24.86 -4.68 -10.78
CA GLY A 208 25.38 -4.17 -9.52
C GLY A 208 24.48 -4.36 -8.32
N ILE A 209 23.54 -5.32 -8.40
CA ILE A 209 22.56 -5.48 -7.33
C ILE A 209 23.21 -5.76 -5.99
N ALA A 210 24.36 -6.46 -5.97
CA ALA A 210 25.06 -6.73 -4.72
C ALA A 210 26.24 -5.80 -4.49
N SER A 211 26.37 -4.73 -5.29
CA SER A 211 27.50 -3.82 -5.10
C SER A 211 27.45 -3.15 -3.73
N PHE A 212 26.30 -2.58 -3.34
CA PHE A 212 26.22 -1.78 -2.12
C PHE A 212 24.94 -2.12 -1.34
N PRO A 213 24.85 -3.31 -0.75
CA PRO A 213 23.69 -3.64 0.07
C PRO A 213 23.86 -3.15 1.50
N SER A 214 22.73 -2.77 2.11
CA SER A 214 22.69 -2.38 3.51
C SER A 214 21.30 -2.69 4.08
N TYR A 215 21.22 -2.92 5.39
CA TYR A 215 19.91 -3.11 6.01
C TYR A 215 19.95 -2.56 7.42
N PRO A 216 18.83 -2.03 7.92
CA PRO A 216 18.80 -1.49 9.28
C PRO A 216 18.23 -2.49 10.28
N GLU A 217 18.31 -2.18 11.57
CA GLU A 217 17.65 -2.97 12.60
C GLU A 217 17.15 -2.04 13.70
N ILE A 218 16.11 -2.52 14.40
CA ILE A 218 15.52 -1.84 15.54
C ILE A 218 15.66 -2.79 16.71
N LEU A 219 16.57 -2.47 17.64
CA LEU A 219 16.86 -3.35 18.76
C LEU A 219 15.90 -3.06 19.91
N GLN A 220 15.68 -4.08 20.76
CA GLN A 220 14.81 -3.94 21.92
C GLN A 220 15.30 -2.90 22.93
N ILE B 1 -26.22 13.71 19.69
CA ILE B 1 -25.57 12.50 20.21
C ILE B 1 -24.32 12.12 19.42
N LEU B 2 -24.41 12.15 18.09
CA LEU B 2 -23.30 11.71 17.25
C LEU B 2 -22.14 12.71 17.28
N PRO B 3 -20.90 12.23 17.14
CA PRO B 3 -19.77 13.18 17.02
C PRO B 3 -19.90 14.01 15.75
N ASP B 4 -19.42 15.24 15.84
CA ASP B 4 -19.47 16.12 14.67
C ASP B 4 -18.57 15.62 13.55
N SER B 5 -17.44 15.02 13.88
CA SER B 5 -16.47 14.53 12.92
C SER B 5 -15.95 13.18 13.36
N VAL B 6 -15.60 12.35 12.38
CA VAL B 6 -15.07 11.00 12.60
C VAL B 6 -13.99 10.73 11.57
N ASP B 7 -12.94 10.03 11.98
CA ASP B 7 -11.87 9.65 11.07
C ASP B 7 -11.29 8.34 11.63
N TRP B 8 -11.68 7.22 11.01
CA TRP B 8 -11.26 5.93 11.52
C TRP B 8 -9.78 5.67 11.31
N ARG B 9 -9.09 6.45 10.47
CA ARG B 9 -7.63 6.36 10.40
C ARG B 9 -6.99 6.69 11.75
N GLU B 10 -7.64 7.56 12.54
CA GLU B 10 -7.12 7.92 13.85
C GLU B 10 -7.13 6.73 14.80
N LYS B 11 -8.00 5.75 14.59
CA LYS B 11 -8.03 4.55 15.42
C LYS B 11 -7.25 3.39 14.82
N GLY B 12 -6.43 3.65 13.79
CA GLY B 12 -5.63 2.57 13.23
C GLY B 12 -6.46 1.52 12.54
N CYS B 13 -7.61 1.90 11.99
CA CYS B 13 -8.56 0.95 11.44
C CYS B 13 -8.59 0.91 9.91
N VAL B 14 -7.67 1.62 9.24
CA VAL B 14 -7.70 1.74 7.79
C VAL B 14 -6.32 1.36 7.24
N THR B 15 -6.28 0.42 6.30
CA THR B 15 -5.01 0.05 5.68
C THR B 15 -4.58 1.11 4.67
N GLU B 16 -3.37 0.92 4.13
CA GLU B 16 -2.86 1.80 3.07
C GLU B 16 -3.83 1.89 1.91
N VAL B 17 -3.83 3.07 1.26
CA VAL B 17 -4.56 3.21 0.01
C VAL B 17 -3.99 2.27 -1.03
N LYS B 18 -4.86 1.57 -1.75
CA LYS B 18 -4.49 0.63 -2.79
C LYS B 18 -4.65 1.27 -4.16
N TYR B 19 -4.16 0.58 -5.19
CA TYR B 19 -4.16 1.09 -6.56
C TYR B 19 -4.74 0.00 -7.45
N GLN B 20 -5.96 0.22 -7.96
CA GLN B 20 -6.67 -0.84 -8.65
C GLN B 20 -6.20 -1.03 -10.09
N GLY B 21 -5.58 -0.01 -10.69
CA GLY B 21 -5.12 -0.11 -12.06
C GLY B 21 -6.29 -0.25 -13.02
N SER B 22 -6.06 -0.94 -14.13
CA SER B 22 -7.07 -1.01 -15.18
C SER B 22 -8.10 -2.11 -14.97
N CYS B 23 -8.13 -2.70 -13.77
CA CYS B 23 -9.11 -3.72 -13.39
C CYS B 23 -10.21 -3.07 -12.54
N GLY B 24 -11.45 -3.22 -12.99
CA GLY B 24 -12.59 -2.59 -12.32
C GLY B 24 -12.99 -3.25 -11.03
N ALA B 25 -12.07 -3.27 -10.07
CA ALA B 25 -12.22 -4.01 -8.83
C ALA B 25 -12.49 -3.09 -7.63
N SER B 26 -12.99 -1.88 -7.85
CA SER B 26 -13.21 -1.01 -6.70
C SER B 26 -14.21 -1.62 -5.73
N TRP B 27 -15.16 -2.42 -6.21
CA TRP B 27 -16.08 -3.12 -5.31
C TRP B 27 -15.33 -4.04 -4.35
N ALA B 28 -14.27 -4.70 -4.83
CA ALA B 28 -13.56 -5.62 -3.95
C ALA B 28 -12.70 -4.87 -2.95
N PHE B 29 -12.08 -3.78 -3.40
CA PHE B 29 -11.33 -2.94 -2.46
C PHE B 29 -12.26 -2.33 -1.43
N SER B 30 -13.45 -1.89 -1.86
CA SER B 30 -14.39 -1.33 -0.91
C SER B 30 -14.78 -2.36 0.14
N ALA B 31 -14.99 -3.62 -0.28
CA ALA B 31 -15.42 -4.68 0.63
C ALA B 31 -14.34 -5.05 1.63
N VAL B 32 -13.10 -5.30 1.16
CA VAL B 32 -12.05 -5.66 2.11
C VAL B 32 -11.73 -4.49 3.03
N GLY B 33 -11.81 -3.24 2.53
CA GLY B 33 -11.55 -2.09 3.39
C GLY B 33 -12.51 -2.01 4.56
N ALA B 34 -13.81 -2.25 4.31
CA ALA B 34 -14.74 -2.27 5.42
C ALA B 34 -14.42 -3.40 6.39
N LEU B 35 -14.13 -4.59 5.86
CA LEU B 35 -13.88 -5.72 6.75
C LEU B 35 -12.57 -5.56 7.51
N GLU B 36 -11.58 -4.90 6.91
CA GLU B 36 -10.31 -4.66 7.59
C GLU B 36 -10.52 -3.88 8.89
N ALA B 37 -11.41 -2.90 8.88
CA ALA B 37 -11.66 -2.13 10.10
C ALA B 37 -12.32 -3.00 11.17
N GLN B 38 -13.28 -3.84 10.76
CA GLN B 38 -13.93 -4.72 11.73
C GLN B 38 -12.94 -5.71 12.32
N LEU B 39 -12.01 -6.19 11.48
CA LEU B 39 -11.00 -7.13 11.96
C LEU B 39 -10.07 -6.45 12.96
N LYS B 40 -9.67 -5.22 12.66
CA LYS B 40 -8.84 -4.46 13.59
C LYS B 40 -9.54 -4.27 14.92
N LEU B 41 -10.81 -3.87 14.89
CA LEU B 41 -11.57 -3.65 16.12
C LEU B 41 -11.63 -4.90 16.95
N LYS B 42 -11.84 -6.06 16.32
CA LYS B 42 -12.06 -7.31 17.04
C LYS B 42 -10.75 -7.94 17.52
N THR B 43 -9.68 -7.85 16.73
CA THR B 43 -8.46 -8.56 17.04
C THR B 43 -7.28 -7.68 17.39
N GLY B 44 -7.38 -6.36 17.23
CA GLY B 44 -6.25 -5.49 17.43
C GLY B 44 -5.23 -5.49 16.30
N LYS B 45 -5.42 -6.29 15.26
CA LYS B 45 -4.47 -6.40 14.16
C LYS B 45 -5.03 -5.69 12.93
N LEU B 46 -4.17 -4.91 12.26
CA LEU B 46 -4.52 -4.24 11.01
C LEU B 46 -3.77 -4.94 9.89
N VAL B 47 -4.50 -5.59 8.99
CA VAL B 47 -3.89 -6.37 7.92
C VAL B 47 -4.70 -6.16 6.65
N SER B 48 -4.01 -5.86 5.54
CA SER B 48 -4.68 -5.74 4.26
C SER B 48 -5.21 -7.10 3.86
N LEU B 49 -6.49 -7.15 3.48
CA LEU B 49 -7.13 -8.38 3.05
C LEU B 49 -7.13 -8.46 1.52
N SER B 50 -7.26 -9.68 1.01
CA SER B 50 -6.98 -9.92 -0.41
C SER B 50 -8.18 -9.51 -1.24
N ALA B 51 -8.08 -8.33 -1.87
CA ALA B 51 -9.05 -7.96 -2.88
C ALA B 51 -9.00 -8.92 -4.05
N GLN B 52 -7.83 -9.47 -4.34
CA GLN B 52 -7.70 -10.41 -5.45
C GLN B 52 -8.49 -11.68 -5.20
N ASN B 53 -8.49 -12.14 -3.95
CA ASN B 53 -9.34 -13.25 -3.50
C ASN B 53 -10.79 -13.06 -3.93
N LEU B 54 -11.34 -11.86 -3.74
CA LEU B 54 -12.72 -11.60 -4.13
C LEU B 54 -12.87 -11.58 -5.66
N VAL B 55 -11.96 -10.90 -6.36
CA VAL B 55 -12.02 -10.84 -7.82
C VAL B 55 -12.06 -12.24 -8.41
N ASP B 56 -11.21 -13.14 -7.91
CA ASP B 56 -11.05 -14.45 -8.52
C ASP B 56 -12.11 -15.44 -8.06
N CYS B 57 -12.65 -15.28 -6.85
CA CYS B 57 -13.46 -16.31 -6.21
C CYS B 57 -14.90 -15.89 -5.97
N SER B 58 -15.17 -14.62 -5.73
CA SER B 58 -16.54 -14.16 -5.54
C SER B 58 -17.05 -13.77 -6.92
N THR B 59 -17.45 -14.78 -7.69
CA THR B 59 -17.71 -14.56 -9.10
C THR B 59 -19.18 -14.76 -9.42
N GLU B 60 -19.50 -15.62 -10.40
CA GLU B 60 -20.84 -15.63 -10.96
C GLU B 60 -21.90 -16.03 -9.93
N LYS B 61 -21.58 -16.95 -9.04
CA LYS B 61 -22.54 -17.31 -7.98
C LYS B 61 -22.89 -16.11 -7.12
N TYR B 62 -22.05 -15.08 -7.13
CA TYR B 62 -22.24 -13.88 -6.33
C TYR B 62 -22.61 -12.69 -7.19
N GLY B 63 -23.00 -12.94 -8.45
CA GLY B 63 -23.33 -11.85 -9.35
C GLY B 63 -22.17 -10.95 -9.71
N ASN B 64 -20.94 -11.35 -9.41
CA ASN B 64 -19.79 -10.48 -9.66
C ASN B 64 -19.07 -10.91 -10.92
N LYS B 65 -18.31 -9.96 -11.47
CA LYS B 65 -17.69 -10.13 -12.79
C LYS B 65 -16.21 -9.74 -12.74
N GLY B 66 -15.58 -9.92 -11.58
CA GLY B 66 -14.14 -9.71 -11.47
C GLY B 66 -13.76 -8.28 -11.83
N CYS B 67 -12.85 -8.17 -12.80
CA CYS B 67 -12.37 -6.86 -13.23
C CYS B 67 -13.43 -6.06 -13.97
N ASN B 68 -14.58 -6.67 -14.28
CA ASN B 68 -15.68 -5.92 -14.88
C ASN B 68 -16.76 -5.55 -13.87
N GLY B 69 -16.48 -5.64 -12.57
CA GLY B 69 -17.37 -5.06 -11.59
C GLY B 69 -18.04 -6.10 -10.70
N GLY B 70 -18.56 -5.61 -9.58
CA GLY B 70 -19.20 -6.48 -8.60
C GLY B 70 -19.88 -5.66 -7.52
N PHE B 71 -20.47 -6.38 -6.57
CA PHE B 71 -21.14 -5.79 -5.41
C PHE B 71 -20.33 -6.05 -4.14
N MET B 72 -20.31 -5.06 -3.26
CA MET B 72 -19.71 -5.28 -1.94
C MET B 72 -20.53 -6.27 -1.13
N THR B 73 -21.87 -6.23 -1.25
CA THR B 73 -22.70 -7.10 -0.42
C THR B 73 -22.44 -8.56 -0.73
N THR B 74 -22.38 -8.91 -2.01
CA THR B 74 -22.13 -10.32 -2.35
C THR B 74 -20.68 -10.71 -2.12
N ALA B 75 -19.76 -9.75 -2.10
CA ALA B 75 -18.41 -10.05 -1.64
C ALA B 75 -18.43 -10.46 -0.16
N PHE B 76 -19.16 -9.70 0.68
CA PHE B 76 -19.32 -10.07 2.09
C PHE B 76 -19.93 -11.45 2.23
N GLN B 77 -20.95 -11.75 1.41
CA GLN B 77 -21.60 -13.06 1.47
C GLN B 77 -20.64 -14.18 1.09
N TYR B 78 -19.83 -13.95 0.05
CA TYR B 78 -18.80 -14.93 -0.29
C TYR B 78 -17.90 -15.22 0.91
N ILE B 79 -17.44 -14.18 1.61
CA ILE B 79 -16.56 -14.40 2.74
C ILE B 79 -17.25 -15.22 3.83
N ILE B 80 -18.52 -14.92 4.07
CA ILE B 80 -19.32 -15.73 5.00
C ILE B 80 -19.38 -17.18 4.53
N ASP B 81 -19.84 -17.37 3.28
CA ASP B 81 -20.00 -18.73 2.75
C ASP B 81 -18.67 -19.46 2.73
N ASN B 82 -17.61 -18.79 2.30
CA ASN B 82 -16.28 -19.38 2.19
C ASN B 82 -15.64 -19.62 3.54
N LYS B 83 -16.22 -19.07 4.63
CA LYS B 83 -15.65 -19.15 5.96
C LYS B 83 -14.25 -18.56 6.03
N GLY B 84 -13.96 -17.56 5.20
CA GLY B 84 -12.70 -16.85 5.34
C GLY B 84 -12.35 -16.06 4.11
N ILE B 85 -11.36 -15.19 4.29
CA ILE B 85 -10.69 -14.49 3.19
C ILE B 85 -9.21 -14.45 3.50
N ASP B 86 -8.39 -14.67 2.48
CA ASP B 86 -6.94 -14.65 2.65
C ASP B 86 -6.43 -13.23 2.82
N SER B 87 -5.26 -13.12 3.43
CA SER B 87 -4.56 -11.85 3.48
C SER B 87 -4.09 -11.44 2.10
N ASP B 88 -3.94 -10.13 1.89
CA ASP B 88 -3.31 -9.67 0.65
C ASP B 88 -1.88 -10.17 0.53
N ALA B 89 -1.17 -10.30 1.66
CA ALA B 89 0.19 -10.81 1.61
C ALA B 89 0.24 -12.19 0.94
N SER B 90 -0.69 -13.07 1.29
CA SER B 90 -0.70 -14.42 0.71
C SER B 90 -1.28 -14.46 -0.69
N TYR B 91 -2.11 -13.48 -1.02
CA TYR B 91 -2.93 -13.54 -2.24
C TYR B 91 -2.94 -12.13 -2.81
N PRO B 92 -1.82 -11.69 -3.38
CA PRO B 92 -1.64 -10.27 -3.69
C PRO B 92 -2.42 -9.87 -4.93
N TYR B 93 -2.59 -8.56 -5.06
CA TYR B 93 -3.41 -7.99 -6.11
C TYR B 93 -2.64 -7.88 -7.42
N LYS B 94 -3.24 -8.37 -8.51
CA LYS B 94 -2.60 -8.41 -9.83
C LYS B 94 -3.37 -7.64 -10.90
N ALA B 95 -4.51 -7.03 -10.58
CA ALA B 95 -5.29 -6.26 -11.53
C ALA B 95 -5.59 -7.07 -12.78
N MET B 96 -5.95 -8.34 -12.56
CA MET B 96 -6.34 -9.26 -13.62
C MET B 96 -7.32 -10.27 -13.05
N ASP B 97 -8.09 -10.87 -13.94
CA ASP B 97 -8.94 -11.99 -13.55
C ASP B 97 -8.11 -13.27 -13.56
N GLN B 98 -8.11 -13.98 -12.44
CA GLN B 98 -7.35 -15.20 -12.30
C GLN B 98 -8.28 -16.30 -11.80
N LYS B 99 -7.78 -17.53 -11.85
CA LYS B 99 -8.49 -18.64 -11.21
C LYS B 99 -8.47 -18.45 -9.70
N CYS B 100 -9.56 -18.90 -9.05
CA CYS B 100 -9.65 -18.81 -7.60
C CYS B 100 -8.54 -19.62 -6.95
N GLN B 101 -7.75 -18.97 -6.12
CA GLN B 101 -6.62 -19.63 -5.46
C GLN B 101 -6.71 -19.49 -3.94
N TYR B 102 -7.93 -19.40 -3.41
CA TYR B 102 -8.12 -19.29 -1.98
C TYR B 102 -7.54 -20.50 -1.25
N ASP B 103 -6.83 -20.24 -0.16
CA ASP B 103 -6.22 -21.29 0.66
C ASP B 103 -6.51 -20.95 2.10
N SER B 104 -7.35 -21.78 2.76
CA SER B 104 -7.71 -21.52 4.15
C SER B 104 -6.49 -21.48 5.07
N LYS B 105 -5.34 -22.02 4.63
CA LYS B 105 -4.14 -21.93 5.43
C LYS B 105 -3.75 -20.47 5.67
N TYR B 106 -4.08 -19.59 4.72
CA TYR B 106 -3.72 -18.18 4.82
C TYR B 106 -4.92 -17.28 5.11
N ARG B 107 -5.99 -17.86 5.68
CA ARG B 107 -7.11 -17.05 6.11
C ARG B 107 -6.68 -16.03 7.14
N ALA B 108 -7.01 -14.76 6.86
CA ALA B 108 -6.71 -13.65 7.75
C ALA B 108 -7.95 -13.03 8.37
N ALA B 109 -9.14 -13.29 7.82
CA ALA B 109 -10.37 -12.76 8.39
C ALA B 109 -11.53 -13.67 8.03
N THR B 110 -12.58 -13.58 8.83
CA THR B 110 -13.89 -14.17 8.59
C THR B 110 -14.91 -13.04 8.51
N CYS B 111 -16.14 -13.40 8.14
CA CYS B 111 -17.26 -12.46 8.15
C CYS B 111 -18.49 -13.17 8.68
N SER B 112 -19.18 -12.53 9.63
CA SER B 112 -20.36 -13.14 10.24
C SER B 112 -21.66 -12.69 9.60
N LYS B 113 -21.73 -11.43 9.19
CA LYS B 113 -22.95 -10.81 8.72
C LYS B 113 -22.56 -9.54 7.99
N TYR B 114 -23.54 -8.95 7.30
CA TYR B 114 -23.39 -7.61 6.77
C TYR B 114 -24.76 -6.96 6.78
N THR B 115 -24.76 -5.62 6.75
CA THR B 115 -25.96 -4.80 6.91
C THR B 115 -26.01 -3.79 5.78
N GLU B 116 -27.19 -3.61 5.20
CA GLU B 116 -27.39 -2.62 4.16
C GLU B 116 -28.16 -1.43 4.72
N LEU B 117 -27.76 -0.23 4.34
CA LEU B 117 -28.41 0.96 4.87
C LEU B 117 -29.40 1.54 3.85
N PRO B 118 -30.41 2.28 4.33
CA PRO B 118 -31.44 2.78 3.41
C PRO B 118 -30.89 3.79 2.42
N TYR B 119 -31.39 3.70 1.19
CA TYR B 119 -30.95 4.54 0.08
C TYR B 119 -31.16 6.02 0.41
N GLY B 120 -30.13 6.82 0.21
CA GLY B 120 -30.20 8.25 0.37
C GLY B 120 -30.21 8.76 1.79
N ARG B 121 -30.15 7.89 2.80
CA ARG B 121 -30.22 8.32 4.19
C ARG B 121 -28.83 8.69 4.68
N GLU B 122 -28.47 9.96 4.51
CA GLU B 122 -27.16 10.41 4.98
C GLU B 122 -27.12 10.50 6.49
N ASP B 123 -28.26 10.67 7.16
CA ASP B 123 -28.28 10.63 8.62
C ASP B 123 -27.98 9.22 9.12
N VAL B 124 -28.55 8.19 8.47
CA VAL B 124 -28.27 6.82 8.88
C VAL B 124 -26.84 6.44 8.54
N LEU B 125 -26.33 6.89 7.39
CA LEU B 125 -24.93 6.65 7.05
C LEU B 125 -24.01 7.26 8.10
N LYS B 126 -24.31 8.50 8.49
CA LYS B 126 -23.51 9.16 9.53
C LYS B 126 -23.51 8.35 10.82
N GLU B 127 -24.69 7.89 11.23
CA GLU B 127 -24.80 7.08 12.43
C GLU B 127 -23.98 5.80 12.33
N ALA B 128 -24.04 5.13 11.17
CA ALA B 128 -23.30 3.88 11.01
C ALA B 128 -21.79 4.11 11.02
N VAL B 129 -21.33 5.17 10.35
CA VAL B 129 -19.89 5.46 10.37
C VAL B 129 -19.42 5.73 11.79
N ALA B 130 -20.22 6.44 12.58
CA ALA B 130 -19.84 6.71 13.97
C ALA B 130 -19.94 5.46 14.84
N ASN B 131 -20.99 4.65 14.67
CA ASN B 131 -21.31 3.59 15.63
C ASN B 131 -20.87 2.20 15.22
N LYS B 132 -20.51 1.98 13.96
CA LYS B 132 -20.07 0.67 13.49
C LYS B 132 -18.67 0.70 12.91
N GLY B 133 -18.32 1.74 12.17
CA GLY B 133 -17.04 1.79 11.50
C GLY B 133 -17.15 2.19 10.04
N PRO B 134 -16.06 2.06 9.29
CA PRO B 134 -16.10 2.43 7.86
C PRO B 134 -17.18 1.68 7.11
N VAL B 135 -17.84 2.39 6.18
CA VAL B 135 -18.97 1.84 5.46
C VAL B 135 -18.65 1.80 3.96
N SER B 136 -18.87 0.64 3.34
CA SER B 136 -18.69 0.46 1.91
C SER B 136 -19.83 1.16 1.18
N VAL B 137 -19.50 1.94 0.15
CA VAL B 137 -20.50 2.67 -0.61
C VAL B 137 -20.08 2.73 -2.07
N GLY B 138 -21.04 3.07 -2.93
CA GLY B 138 -20.77 3.41 -4.31
C GLY B 138 -20.91 4.91 -4.48
N VAL B 139 -20.15 5.47 -5.43
CA VAL B 139 -20.31 6.85 -5.85
C VAL B 139 -20.39 6.90 -7.36
N ASP B 140 -20.96 8.00 -7.86
CA ASP B 140 -20.91 8.35 -9.27
C ASP B 140 -19.58 9.04 -9.52
N ALA B 141 -18.61 8.33 -10.06
CA ALA B 141 -17.29 8.88 -10.29
C ALA B 141 -17.02 9.16 -11.77
N ARG B 142 -18.05 9.09 -12.62
CA ARG B 142 -17.88 9.33 -14.06
C ARG B 142 -17.90 10.83 -14.38
N HIS B 143 -16.91 11.53 -13.83
CA HIS B 143 -16.78 12.95 -14.05
C HIS B 143 -15.31 13.31 -14.05
N PRO B 144 -14.84 14.04 -15.07
CA PRO B 144 -13.44 14.50 -15.06
C PRO B 144 -13.05 15.20 -13.78
N SER B 145 -13.98 15.96 -13.18
CA SER B 145 -13.67 16.66 -11.93
C SER B 145 -13.31 15.67 -10.83
N PHE B 146 -13.90 14.47 -10.86
CA PHE B 146 -13.57 13.45 -9.88
C PHE B 146 -12.15 12.93 -10.09
N PHE B 147 -11.82 12.55 -11.32
CA PHE B 147 -10.47 12.07 -11.63
C PHE B 147 -9.41 13.12 -11.34
N LEU B 148 -9.74 14.40 -11.56
CA LEU B 148 -8.80 15.49 -11.39
C LEU B 148 -8.89 16.13 -10.01
N TYR B 149 -9.72 15.59 -9.13
CA TYR B 149 -9.83 16.14 -7.80
C TYR B 149 -8.48 16.15 -7.11
N ARG B 150 -8.17 17.26 -6.45
CA ARG B 150 -6.91 17.37 -5.73
C ARG B 150 -7.10 17.64 -4.25
N SER B 151 -8.00 18.55 -3.85
CA SER B 151 -8.17 18.85 -2.43
C SER B 151 -9.51 19.54 -2.18
N GLY B 152 -9.89 19.60 -0.91
CA GLY B 152 -11.10 20.31 -0.50
C GLY B 152 -12.34 19.44 -0.54
N VAL B 153 -13.48 20.10 -0.38
CA VAL B 153 -14.76 19.40 -0.40
C VAL B 153 -15.25 19.36 -1.85
N TYR B 154 -15.30 18.15 -2.41
CA TYR B 154 -15.74 17.95 -3.79
C TYR B 154 -17.24 18.14 -3.94
N TYR B 155 -17.64 19.00 -4.88
CA TYR B 155 -19.05 19.16 -5.23
C TYR B 155 -19.15 19.25 -6.75
N GLU B 156 -19.87 18.31 -7.36
CA GLU B 156 -19.99 18.23 -8.82
C GLU B 156 -21.44 18.42 -9.19
N PRO B 157 -21.83 19.57 -9.72
CA PRO B 157 -23.26 19.79 -10.00
C PRO B 157 -23.88 18.74 -10.91
N SER B 158 -23.13 18.12 -11.81
CA SER B 158 -23.70 17.14 -12.73
C SER B 158 -23.64 15.72 -12.18
N CYS B 159 -23.29 15.56 -10.90
CA CYS B 159 -23.28 14.22 -10.32
C CYS B 159 -24.69 13.68 -10.22
N THR B 160 -24.81 12.35 -10.29
CA THR B 160 -26.09 11.69 -10.12
C THR B 160 -26.03 10.82 -8.88
N GLN B 161 -27.19 10.27 -8.49
CA GLN B 161 -27.26 9.30 -7.41
C GLN B 161 -27.06 7.86 -7.88
N ASN B 162 -26.85 7.66 -9.19
CA ASN B 162 -26.60 6.34 -9.74
C ASN B 162 -25.10 6.06 -9.65
N VAL B 163 -24.72 5.08 -8.84
CA VAL B 163 -23.32 4.84 -8.51
C VAL B 163 -22.70 3.91 -9.54
N ASN B 164 -21.37 3.96 -9.61
CA ASN B 164 -20.64 3.13 -10.56
C ASN B 164 -19.23 2.82 -10.09
N HIS B 165 -18.84 3.25 -8.89
CA HIS B 165 -17.47 3.07 -8.41
C HIS B 165 -17.54 2.79 -6.91
N GLY B 166 -16.92 1.70 -6.48
CA GLY B 166 -16.93 1.36 -5.07
C GLY B 166 -15.85 2.12 -4.32
N VAL B 167 -16.21 2.62 -3.14
CA VAL B 167 -15.28 3.33 -2.27
C VAL B 167 -15.64 3.02 -0.82
N LEU B 168 -14.93 3.63 0.11
CA LEU B 168 -15.07 3.34 1.53
C LEU B 168 -15.18 4.64 2.31
N VAL B 169 -16.29 4.83 3.02
CA VAL B 169 -16.44 6.01 3.87
C VAL B 169 -15.74 5.69 5.18
N VAL B 170 -14.64 6.38 5.46
CA VAL B 170 -13.92 6.16 6.71
C VAL B 170 -14.15 7.27 7.71
N GLY B 171 -15.02 8.22 7.40
CA GLY B 171 -15.27 9.30 8.33
C GLY B 171 -16.11 10.40 7.71
N TYR B 172 -16.21 11.49 8.44
CA TYR B 172 -16.97 12.65 7.98
C TYR B 172 -16.55 13.85 8.80
N GLY B 173 -16.88 15.03 8.29
CA GLY B 173 -16.43 16.24 8.94
C GLY B 173 -17.00 17.44 8.26
N ASP B 174 -16.33 18.56 8.47
CA ASP B 174 -16.73 19.83 7.89
C ASP B 174 -15.48 20.66 7.65
N LEU B 175 -15.47 21.38 6.55
CA LEU B 175 -14.34 22.22 6.18
C LEU B 175 -14.92 23.58 5.86
N ASN B 176 -14.62 24.58 6.69
CA ASN B 176 -15.05 25.95 6.45
C ASN B 176 -16.54 26.02 6.19
N GLY B 177 -17.31 25.32 7.01
CA GLY B 177 -18.75 25.32 6.85
C GLY B 177 -19.26 24.42 5.76
N LYS B 178 -18.42 23.60 5.15
CA LYS B 178 -18.87 22.65 4.15
C LYS B 178 -18.74 21.26 4.75
N GLU B 179 -19.87 20.59 4.93
CA GLU B 179 -19.87 19.23 5.45
C GLU B 179 -19.44 18.25 4.36
N TYR B 180 -18.70 17.22 4.76
CA TYR B 180 -18.14 16.30 3.79
C TYR B 180 -18.13 14.88 4.35
N TRP B 181 -18.02 13.92 3.43
CA TRP B 181 -17.68 12.54 3.74
C TRP B 181 -16.21 12.31 3.44
N LEU B 182 -15.51 11.62 4.34
CA LEU B 182 -14.12 11.26 4.12
C LEU B 182 -14.11 9.89 3.45
N VAL B 183 -13.64 9.86 2.20
CA VAL B 183 -13.80 8.72 1.31
C VAL B 183 -12.42 8.20 0.92
N LYS B 184 -12.18 6.94 1.21
CA LYS B 184 -10.98 6.24 0.79
C LYS B 184 -11.20 5.67 -0.60
N ASN B 185 -10.38 6.10 -1.56
CA ASN B 185 -10.43 5.60 -2.91
C ASN B 185 -9.40 4.49 -3.08
N SER B 186 -9.41 3.87 -4.27
CA SER B 186 -8.46 2.82 -4.64
C SER B 186 -7.71 3.19 -5.93
N TRP B 187 -7.31 4.44 -6.04
CA TRP B 187 -6.53 4.93 -7.17
C TRP B 187 -5.12 5.35 -6.76
N GLY B 188 -4.62 4.82 -5.64
CA GLY B 188 -3.26 5.10 -5.22
C GLY B 188 -3.10 6.42 -4.49
N HIS B 189 -1.88 6.64 -4.01
CA HIS B 189 -1.58 7.83 -3.22
C HIS B 189 -1.65 9.12 -4.02
N ASN B 190 -1.50 9.06 -5.33
CA ASN B 190 -1.44 10.30 -6.09
C ASN B 190 -2.80 10.88 -6.43
N PHE B 191 -3.88 10.13 -6.19
CA PHE B 191 -5.22 10.68 -6.34
C PHE B 191 -5.62 11.53 -5.14
N GLY B 192 -6.16 12.72 -5.39
CA GLY B 192 -6.81 13.49 -4.35
C GLY B 192 -5.88 13.81 -3.19
N GLU B 193 -6.40 13.70 -1.97
CA GLU B 193 -5.64 14.01 -0.75
C GLU B 193 -5.03 12.72 -0.23
N GLU B 194 -3.85 12.38 -0.76
CA GLU B 194 -3.16 11.14 -0.40
C GLU B 194 -4.08 9.92 -0.54
N GLY B 195 -4.85 9.88 -1.63
CA GLY B 195 -5.70 8.75 -1.92
C GLY B 195 -7.11 8.91 -1.45
N TYR B 196 -7.42 10.02 -0.78
CA TYR B 196 -8.74 10.28 -0.22
C TYR B 196 -9.40 11.44 -0.94
N ILE B 197 -10.72 11.46 -0.89
CA ILE B 197 -11.50 12.56 -1.42
C ILE B 197 -12.58 12.90 -0.39
N ARG B 198 -12.71 14.18 -0.05
CA ARG B 198 -13.77 14.63 0.81
C ARG B 198 -14.93 15.08 -0.08
N MET B 199 -16.08 14.43 0.07
CA MET B 199 -17.21 14.59 -0.83
C MET B 199 -18.36 15.25 -0.11
N ALA B 200 -19.07 16.14 -0.80
CA ALA B 200 -20.14 16.91 -0.17
C ALA B 200 -21.13 16.02 0.57
N ARG B 201 -21.44 16.42 1.80
CA ARG B 201 -22.32 15.70 2.71
C ARG B 201 -23.56 16.54 2.99
N ASN B 202 -24.70 15.88 3.15
CA ASN B 202 -25.99 16.55 3.39
C ASN B 202 -26.29 17.52 2.26
N LYS B 203 -25.91 17.14 1.04
CA LYS B 203 -26.28 17.90 -0.13
C LYS B 203 -27.14 17.01 -1.03
N GLY B 204 -28.19 16.42 -0.46
CA GLY B 204 -29.14 15.62 -1.20
C GLY B 204 -28.56 14.38 -1.85
N ASN B 205 -27.75 13.63 -1.09
CA ASN B 205 -27.15 12.39 -1.56
C ASN B 205 -26.23 12.64 -2.76
N HIS B 206 -25.29 13.58 -2.58
CA HIS B 206 -24.43 14.00 -3.66
C HIS B 206 -23.58 12.84 -4.17
N CYS B 207 -23.58 12.68 -5.49
CA CYS B 207 -22.89 11.60 -6.19
C CYS B 207 -23.34 10.20 -5.73
N GLY B 208 -24.51 10.12 -5.10
CA GLY B 208 -25.02 8.82 -4.69
C GLY B 208 -24.26 8.18 -3.55
N ILE B 209 -23.58 8.97 -2.74
CA ILE B 209 -22.73 8.40 -1.70
C ILE B 209 -23.54 7.56 -0.71
N ALA B 210 -24.80 7.91 -0.45
CA ALA B 210 -25.64 7.15 0.47
C ALA B 210 -26.64 6.25 -0.25
N SER B 211 -26.48 6.04 -1.56
CA SER B 211 -27.42 5.21 -2.31
C SER B 211 -27.39 3.76 -1.84
N PHE B 212 -26.20 3.17 -1.71
CA PHE B 212 -26.05 1.75 -1.41
C PHE B 212 -24.92 1.52 -0.42
N PRO B 213 -25.12 1.93 0.83
CA PRO B 213 -24.13 1.64 1.88
C PRO B 213 -24.34 0.27 2.48
N SER B 214 -23.22 -0.38 2.84
CA SER B 214 -23.25 -1.66 3.54
C SER B 214 -21.98 -1.79 4.37
N TYR B 215 -22.06 -2.60 5.43
CA TYR B 215 -20.88 -2.86 6.24
C TYR B 215 -20.95 -4.26 6.83
N PRO B 216 -19.81 -4.91 7.02
CA PRO B 216 -19.81 -6.28 7.57
C PRO B 216 -19.55 -6.27 9.06
N GLU B 217 -19.71 -7.41 9.73
CA GLU B 217 -19.29 -7.54 11.12
C GLU B 217 -18.72 -8.92 11.35
N ILE B 218 -17.84 -9.01 12.34
CA ILE B 218 -17.25 -10.26 12.80
C ILE B 218 -17.71 -10.41 14.25
N LEU B 219 -18.61 -11.33 14.49
CA LEU B 219 -19.19 -11.50 15.82
C LEU B 219 -18.31 -12.43 16.66
N GLN B 220 -18.45 -12.30 17.99
CA GLN B 220 -17.72 -13.19 18.88
C GLN B 220 -18.17 -14.62 18.63
N GLY B 221 -17.21 -15.54 18.62
CA GLY B 221 -17.48 -16.88 18.12
C GLY B 221 -16.54 -17.32 17.00
C2 BQS C . 24.04 10.84 -5.76
C3 BQS C . 24.74 12.19 -5.63
C5 BQS C . 25.36 11.55 -3.29
C15 BQS C . 23.92 8.52 -5.05
C17 BQS C . 24.23 7.80 -6.36
C22 BQS C . 23.43 3.42 -3.80
C23 BQS C . 24.76 3.45 -3.49
C24 BQS C . 25.61 4.35 -4.10
C25 BQS C . 25.09 5.25 -5.03
C21 BQS C . 22.89 4.30 -4.73
C26 BQS C . 23.74 5.23 -5.35
C33 BQS C . 21.43 4.23 -5.03
C4 BQS C . 24.80 12.64 -4.17
C42 BQS C . 27.04 4.40 -3.76
C46 BQS C . 28.99 4.24 -2.77
C47 BQS C . 27.68 3.94 -2.60
C51 BQS C . 27.19 3.24 -1.37
C53 BQS C . 29.54 3.21 -0.58
C54 BQS C . 30.09 3.94 -1.80
C6 BQS C . 24.61 10.24 -3.50
C60 BQS C . 30.34 5.38 -4.61
C62 BQS C . 30.82 4.47 -5.72
C64 BQS C . 31.97 5.10 -6.49
C68 BQS C . 27.66 3.98 0.89
C72 BQS C . 28.67 4.24 1.97
C75 BQS C . 29.33 5.63 1.87
C76 BQS C . 28.32 6.74 2.08
C77 BQS C . 28.97 8.10 2.01
C79 BQS C . 31.05 7.21 2.85
C80 BQS C . 30.45 5.79 2.87
C87 BQS C . 30.70 9.55 2.89
C90 BQS C . 30.16 10.71 3.73
C91 BQS C . 28.76 10.45 4.30
C92 BQS C . 28.27 11.59 5.20
C93 BQS C . 29.10 12.85 5.04
C94 BQS C . 29.38 13.14 3.56
C95 BQS C . 30.13 11.99 2.89
F45 BQS C . 21.18 4.14 -6.33
F46 BQS C . 20.79 5.32 -4.59
F47 BQS C . 20.85 3.19 -4.43
N1 BQS C . 24.64 9.80 -4.90
N44 BQS C . 27.90 4.97 -4.60
N45 BQS C . 29.11 4.85 -3.96
N54 BQS C . 28.12 3.51 -0.29
N80 BQS C . 30.02 8.24 3.06
O72 BQS C . 26.47 4.18 1.08
S19 BQS C . 23.10 6.37 -6.53
C1 EOH D . 27.58 -6.91 -14.59
C2 EOH D . 27.96 -8.26 -15.20
O EOH D . 26.20 -6.61 -14.74
C1 EOH E . 19.85 8.11 -6.46
C2 EOH E . 20.33 9.11 -7.52
O EOH E . 20.48 8.31 -5.20
C1 EOH F . -1.76 -3.16 -4.84
C2 EOH F . -1.84 -4.06 -3.60
O EOH F . -2.47 -1.92 -4.69
C2 BQS G . -21.47 -4.12 -12.07
C3 BQS G . -21.90 -5.21 -13.03
C5 BQS G . -22.69 -6.54 -11.08
C15 BQS G . -21.86 -2.99 -9.96
C17 BQS G . -22.20 -1.61 -10.46
C22 BQS G . -22.46 -0.44 -5.48
C23 BQS G . -23.78 -0.81 -5.50
C24 BQS G . -24.42 -1.02 -6.70
C25 BQS G . -23.71 -0.88 -7.90
C21 BQS G . -21.73 -0.28 -6.64
C26 BQS G . -22.37 -0.51 -7.88
C33 BQS G . -20.30 0.11 -6.55
C4 BQS G . -21.89 -6.55 -12.37
C42 BQS G . -25.83 -1.43 -6.73
C46 BQS G . -27.83 -2.26 -6.31
C47 BQS G . -26.61 -2.10 -5.74
C51 BQS G . -26.28 -2.59 -4.35
C53 BQS G . -28.69 -3.29 -4.22
C54 BQS G . -29.00 -2.90 -5.66
C6 BQS G . -22.27 -5.38 -10.19
C60 BQS G . -28.85 -1.62 -8.57
C62 BQS G . -28.44 -2.18 -9.84
C64 BQS G . -28.09 -3.63 -9.68
C68 BQS G . -26.80 -4.77 -3.47
C72 BQS G . -27.82 -5.82 -3.11
C75 BQS G . -28.19 -6.72 -4.31
C76 BQS G . -26.97 -7.54 -4.81
C77 BQS G . -27.35 -8.48 -5.96
C79 BQS G . -29.64 -8.52 -5.22
C80 BQS G . -29.32 -7.64 -4.01
C87 BQS G . -28.83 -10.27 -6.67
C90 BQS G . -27.66 -11.10 -7.18
C91 BQS G . -27.20 -12.10 -6.12
C92 BQS G . -26.16 -13.09 -6.63
C93 BQS G . -26.65 -13.80 -7.86
C94 BQS G . -27.02 -12.82 -8.94
C95 BQS G . -28.07 -11.84 -8.46
F45 BQS G . -19.98 1.09 -7.41
F46 BQS G . -19.50 -0.93 -6.82
F47 BQS G . -19.94 0.53 -5.33
N1 BQS G . -22.32 -4.08 -10.86
N44 BQS G . -26.54 -1.20 -7.84
N45 BQS G . -27.77 -1.71 -7.56
N54 BQS G . -27.25 -3.61 -3.99
N80 BQS G . -28.49 -9.36 -5.58
O72 BQS G . -25.61 -4.98 -3.30
S19 BQS G . -21.49 -0.31 -9.41
S DMS H . -17.99 -1.62 -9.98
O DMS H . -18.54 -2.87 -9.38
C1 DMS H . -16.22 -1.66 -9.68
C2 DMS H . -18.03 -1.74 -11.81
C1 EOH I . -2.89 -18.64 -2.28
C2 EOH I . -2.87 -18.34 -0.79
O EOH I . -2.47 -17.53 -3.05
C1 EOH J . -12.83 7.82 15.05
C2 EOH J . -14.02 7.40 15.93
O EOH J . -12.82 9.21 14.77
#